data_9D2U
#
_entry.id   9D2U
#
_cell.length_a   56.382
_cell.length_b   59.730
_cell.length_c   78.699
_cell.angle_alpha   90.00
_cell.angle_beta   90.00
_cell.angle_gamma   90.00
#
_symmetry.space_group_name_H-M   'P 2 21 21'
#
loop_
_entity.id
_entity.type
_entity.pdbx_description
1 polymer 'Carbapenem-hydrolyzing beta-lactamase KPC'
2 non-polymer '{[6-fluoro-1-methyl-7-(morpholin-4-yl)-2-oxo-1,2-dihydroquinolin-4-yl]methyl}phosphonic acid'
3 non-polymer 'SULFATE ION'
4 non-polymer GLYCEROL
5 water water
#
_entity_poly.entity_id   1
_entity_poly.type   'polypeptide(L)'
_entity_poly.pdbx_seq_one_letter_code
;MGSSHHHHHHSSGLVPRGSHMLTNLVAEPFAKLEQDFGGSIGVYAMDTGSGATVSYRAEERFPLCSSFKGFLAAAVLARS
QQQAGLLDTPIRYGKNALVPWSPISEKYLTTGMTVAELSAAAVQYSDNAAANLLLKELGGPAGLTAFMRSIGDTTFRLDR
WELELNSAIPGDARDTSSPRAVTESLQKLTLGSALAAPQRQQFVDWLKGNTTGNHRIRAAVPADWAVGDKTGTCGVYGTA
NDYAVVWPTGRAPIVLAVYTRAPNKDDKHSEAVIAAAARLALEGLGVNGQ
;
_entity_poly.pdbx_strand_id   A
#
# COMPACT_ATOMS: atom_id res chain seq x y z
N HIS A 20 -10.50 3.64 19.34
CA HIS A 20 -11.44 4.22 20.34
C HIS A 20 -10.93 5.61 20.69
N MET A 21 -11.13 6.57 19.79
CA MET A 21 -10.55 7.92 19.97
C MET A 21 -9.04 7.78 19.89
N LEU A 22 -8.32 7.85 21.02
CA LEU A 22 -6.83 7.75 21.15
C LEU A 22 -6.09 8.77 20.28
N THR A 23 -6.68 9.31 19.21
CA THR A 23 -6.01 10.34 18.38
C THR A 23 -5.61 11.57 19.22
N ASN A 24 -6.46 11.95 20.16
CA ASN A 24 -6.27 13.19 20.96
C ASN A 24 -4.91 13.15 21.67
N LEU A 25 -4.41 11.95 22.01
N LEU A 25 -4.41 11.95 21.99
CA LEU A 25 -3.05 11.80 22.58
CA LEU A 25 -3.07 11.79 22.59
C LEU A 25 -2.02 12.39 21.60
C LEU A 25 -2.02 12.37 21.61
N VAL A 26 -2.33 12.38 20.30
CA VAL A 26 -1.36 12.75 19.21
C VAL A 26 -1.99 13.64 18.11
N ALA A 27 -3.23 14.16 18.23
CA ALA A 27 -3.86 15.08 17.25
C ALA A 27 -3.01 16.37 17.03
N GLU A 28 -2.51 17.00 18.11
CA GLU A 28 -1.66 18.22 18.02
C GLU A 28 -0.33 17.89 17.32
N PRO A 29 0.41 16.84 17.76
CA PRO A 29 1.63 16.42 17.05
C PRO A 29 1.45 16.17 15.55
N PHE A 30 0.33 15.58 15.09
CA PHE A 30 0.08 15.37 13.63
C PHE A 30 -0.02 16.72 12.92
N ALA A 31 -0.77 17.68 13.49
CA ALA A 31 -0.99 18.98 12.82
C ALA A 31 0.38 19.70 12.75
N LYS A 32 1.22 19.58 13.77
CA LYS A 32 2.58 20.18 13.75
C LYS A 32 3.42 19.51 12.65
N LEU A 33 3.42 18.18 12.61
CA LEU A 33 4.21 17.45 11.57
C LEU A 33 3.79 17.90 10.18
N GLU A 34 2.49 18.00 9.98
CA GLU A 34 1.89 18.39 8.72
C GLU A 34 2.30 19.83 8.35
N GLN A 35 2.27 20.73 9.32
CA GLN A 35 2.68 22.14 9.10
C GLN A 35 4.16 22.21 8.71
N ASP A 36 5.02 21.42 9.34
CA ASP A 36 6.47 21.40 8.99
C ASP A 36 6.68 20.80 7.60
N PHE A 37 5.91 19.76 7.26
CA PHE A 37 6.00 19.14 5.91
C PHE A 37 5.56 20.12 4.81
N GLY A 38 4.52 20.92 5.04
CA GLY A 38 3.95 21.86 4.04
C GLY A 38 2.95 21.18 3.14
N GLY A 39 2.27 20.16 3.64
CA GLY A 39 1.18 19.52 2.85
C GLY A 39 0.24 18.84 3.79
N SER A 40 -0.38 17.77 3.32
CA SER A 40 -1.44 17.04 4.06
C SER A 40 -0.91 15.65 4.38
N ILE A 41 -1.12 15.21 5.59
CA ILE A 41 -0.79 13.83 6.02
C ILE A 41 -2.08 13.14 6.43
N GLY A 42 -2.28 11.90 5.95
CA GLY A 42 -3.47 11.09 6.24
C GLY A 42 -3.04 9.79 6.89
N VAL A 43 -3.59 9.51 8.05
CA VAL A 43 -3.19 8.32 8.85
C VAL A 43 -4.41 7.57 9.31
N TYR A 44 -4.38 6.26 9.23
CA TYR A 44 -5.32 5.43 9.99
C TYR A 44 -4.58 4.23 10.51
N ALA A 45 -4.69 4.00 11.82
CA ALA A 45 -4.01 2.86 12.45
C ALA A 45 -5.00 2.12 13.32
N MET A 46 -4.92 0.81 13.31
CA MET A 46 -5.89 -0.08 14.01
C MET A 46 -5.11 -1.08 14.84
N ASP A 47 -5.37 -1.10 16.15
CA ASP A 47 -4.95 -2.20 17.06
C ASP A 47 -5.96 -3.32 16.92
N THR A 48 -5.55 -4.43 16.30
CA THR A 48 -6.47 -5.54 15.96
C THR A 48 -6.86 -6.31 17.21
N GLY A 49 -6.18 -6.05 18.30
CA GLY A 49 -6.51 -6.68 19.61
C GLY A 49 -7.75 -6.05 20.21
N SER A 50 -7.67 -4.76 20.52
CA SER A 50 -8.73 -3.96 21.22
C SER A 50 -9.70 -3.32 20.23
N GLY A 51 -9.30 -3.15 18.97
CA GLY A 51 -10.08 -2.35 18.01
C GLY A 51 -9.86 -0.85 18.21
N ALA A 52 -8.89 -0.45 19.04
CA ALA A 52 -8.52 0.96 19.26
C ALA A 52 -7.96 1.50 17.92
N THR A 53 -8.23 2.77 17.63
CA THR A 53 -7.82 3.41 16.35
C THR A 53 -7.20 4.76 16.62
N VAL A 54 -6.31 5.14 15.72
CA VAL A 54 -5.80 6.52 15.58
C VAL A 54 -6.23 6.91 14.16
N SER A 55 -6.74 8.25 14.05
CA SER A 55 -7.24 8.77 12.75
C SER A 55 -6.75 10.19 12.61
N TYR A 56 -6.21 10.53 11.46
CA TYR A 56 -5.88 11.92 11.13
C TYR A 56 -6.12 12.06 9.62
N ARG A 57 -7.05 12.90 9.20
CA ARG A 57 -7.47 13.01 7.77
C ARG A 57 -7.73 11.62 7.20
N ALA A 58 -8.27 10.71 8.00
CA ALA A 58 -8.38 9.28 7.63
C ALA A 58 -9.39 9.04 6.50
N GLU A 59 -10.33 9.96 6.30
CA GLU A 59 -11.40 9.76 5.30
C GLU A 59 -11.13 10.62 4.07
N GLU A 60 -10.06 11.39 4.00
CA GLU A 60 -9.72 12.12 2.79
C GLU A 60 -9.11 11.20 1.74
N ARG A 61 -9.33 11.54 0.48
CA ARG A 61 -8.70 10.81 -0.63
C ARG A 61 -7.27 11.29 -0.78
N PHE A 62 -6.38 10.35 -1.03
CA PHE A 62 -4.99 10.60 -1.43
C PHE A 62 -4.67 9.69 -2.62
N PRO A 63 -3.77 10.09 -3.52
CA PRO A 63 -3.33 9.23 -4.61
C PRO A 63 -2.69 7.96 -4.08
N LEU A 64 -3.06 6.84 -4.70
CA LEU A 64 -2.50 5.52 -4.37
C LEU A 64 -1.03 5.46 -4.77
N CYS A 65 -0.65 6.08 -5.89
CA CYS A 65 0.67 5.83 -6.52
C CYS A 65 0.89 4.31 -6.55
N SER A 66 2.08 3.80 -6.25
CA SER A 66 2.37 2.35 -6.40
C SER A 66 1.64 1.50 -5.38
N SER A 67 1.02 2.07 -4.34
CA SER A 67 0.44 1.29 -3.23
C SER A 67 -0.67 0.38 -3.71
N PHE A 68 -1.29 0.63 -4.87
CA PHE A 68 -2.30 -0.31 -5.41
C PHE A 68 -1.67 -1.66 -5.73
N LYS A 69 -0.34 -1.73 -5.91
CA LYS A 69 0.28 -2.98 -6.38
C LYS A 69 0.12 -4.07 -5.32
N GLY A 70 0.08 -3.74 -4.04
CA GLY A 70 -0.14 -4.78 -3.01
C GLY A 70 -1.53 -5.37 -3.20
N PHE A 71 -2.54 -4.51 -3.34
CA PHE A 71 -3.93 -4.97 -3.54
C PHE A 71 -4.05 -5.76 -4.86
N LEU A 72 -3.31 -5.36 -5.89
CA LEU A 72 -3.23 -6.07 -7.18
C LEU A 72 -2.75 -7.51 -6.93
N ALA A 73 -1.68 -7.68 -6.17
CA ALA A 73 -1.13 -9.02 -5.89
C ALA A 73 -2.17 -9.85 -5.10
N ALA A 74 -2.90 -9.21 -4.16
CA ALA A 74 -3.95 -9.89 -3.39
C ALA A 74 -5.07 -10.35 -4.33
N ALA A 75 -5.47 -9.52 -5.28
CA ALA A 75 -6.51 -9.87 -6.26
C ALA A 75 -6.05 -11.08 -7.10
N VAL A 76 -4.81 -11.12 -7.48
CA VAL A 76 -4.25 -12.28 -8.24
C VAL A 76 -4.36 -13.52 -7.36
N LEU A 77 -3.96 -13.41 -6.09
CA LEU A 77 -4.03 -14.57 -5.16
C LEU A 77 -5.48 -15.00 -5.04
N ALA A 78 -6.43 -14.05 -4.96
CA ALA A 78 -7.85 -14.43 -4.84
C ALA A 78 -8.26 -15.20 -6.09
N ARG A 79 -7.87 -14.72 -7.27
CA ARG A 79 -8.22 -15.42 -8.53
C ARG A 79 -7.60 -16.83 -8.53
N SER A 80 -6.40 -16.98 -7.97
CA SER A 80 -5.68 -18.28 -7.91
C SER A 80 -6.47 -19.32 -7.09
N GLN A 81 -7.36 -18.91 -6.21
CA GLN A 81 -8.23 -19.85 -5.47
C GLN A 81 -9.21 -20.52 -6.43
N GLN A 82 -9.61 -19.86 -7.52
CA GLN A 82 -10.56 -20.40 -8.52
C GLN A 82 -9.80 -21.03 -9.69
N GLN A 83 -8.58 -20.57 -9.98
CA GLN A 83 -7.79 -21.02 -11.15
C GLN A 83 -6.49 -21.67 -10.67
N ALA A 84 -6.48 -23.00 -10.57
CA ALA A 84 -5.40 -23.78 -9.91
C ALA A 84 -4.01 -23.53 -10.55
N GLY A 85 -3.95 -23.21 -11.84
CA GLY A 85 -2.64 -23.12 -12.53
C GLY A 85 -2.12 -21.69 -12.59
N LEU A 86 -2.85 -20.71 -12.05
CA LEU A 86 -2.70 -19.31 -12.49
C LEU A 86 -1.29 -18.85 -12.09
N LEU A 87 -0.90 -19.07 -10.84
CA LEU A 87 0.38 -18.46 -10.34
C LEU A 87 1.58 -19.00 -11.11
N ASP A 88 1.48 -20.21 -11.66
CA ASP A 88 2.60 -20.84 -12.41
C ASP A 88 2.61 -20.47 -13.88
N THR A 89 1.62 -19.71 -14.35
CA THR A 89 1.47 -19.40 -15.78
C THR A 89 2.62 -18.51 -16.24
N PRO A 90 3.39 -18.89 -17.28
CA PRO A 90 4.42 -18.03 -17.84
C PRO A 90 3.82 -16.91 -18.66
N ILE A 91 4.36 -15.73 -18.46
CA ILE A 91 3.93 -14.51 -19.16
C ILE A 91 5.12 -13.96 -19.94
N ARG A 92 4.97 -13.83 -21.27
CA ARG A 92 6.01 -13.23 -22.12
C ARG A 92 5.58 -11.82 -22.47
N TYR A 93 6.53 -10.93 -22.59
CA TYR A 93 6.24 -9.52 -22.84
C TYR A 93 7.36 -8.98 -23.71
N GLY A 94 7.00 -7.90 -24.42
CA GLY A 94 7.93 -7.19 -25.31
C GLY A 94 8.61 -6.02 -24.63
N LYS A 95 9.63 -5.48 -25.26
CA LYS A 95 10.35 -4.30 -24.80
C LYS A 95 9.37 -3.16 -24.52
N ASN A 96 8.30 -3.03 -25.29
CA ASN A 96 7.41 -1.84 -25.15
C ASN A 96 6.60 -1.97 -23.85
N ALA A 97 6.59 -3.13 -23.18
CA ALA A 97 5.96 -3.27 -21.84
C ALA A 97 6.84 -2.67 -20.73
N LEU A 98 8.15 -2.41 -20.94
CA LEU A 98 9.11 -1.97 -19.89
C LEU A 98 9.10 -0.47 -19.66
N VAL A 99 8.10 0.00 -18.94
CA VAL A 99 8.05 1.42 -18.56
C VAL A 99 9.06 1.64 -17.44
N PRO A 100 9.41 2.89 -17.17
CA PRO A 100 10.33 3.24 -16.10
C PRO A 100 9.95 2.60 -14.75
N TRP A 101 10.99 2.24 -13.98
CA TRP A 101 10.90 1.56 -12.66
C TRP A 101 10.30 0.18 -12.89
N SER A 102 11.01 -0.64 -13.67
CA SER A 102 10.70 -2.09 -13.87
C SER A 102 11.96 -2.92 -13.59
N PRO A 103 12.47 -2.88 -12.35
CA PRO A 103 13.81 -3.36 -12.07
C PRO A 103 13.94 -4.89 -12.17
N ILE A 104 12.87 -5.64 -11.94
CA ILE A 104 12.90 -7.12 -12.07
C ILE A 104 12.51 -7.49 -13.50
N SER A 105 11.38 -7.03 -14.01
CA SER A 105 10.90 -7.42 -15.36
C SER A 105 11.94 -7.12 -16.45
N GLU A 106 12.77 -6.09 -16.32
CA GLU A 106 13.81 -5.78 -17.34
C GLU A 106 14.83 -6.92 -17.42
N LYS A 107 15.09 -7.63 -16.32
CA LYS A 107 16.11 -8.72 -16.30
C LYS A 107 15.56 -10.00 -16.94
N TYR A 108 14.25 -10.12 -17.17
CA TYR A 108 13.58 -11.36 -17.65
C TYR A 108 12.84 -11.07 -18.97
N LEU A 109 13.13 -9.95 -19.61
CA LEU A 109 12.53 -9.59 -20.91
C LEU A 109 12.68 -10.74 -21.89
N THR A 110 13.87 -11.33 -21.96
CA THR A 110 14.18 -12.33 -22.99
C THR A 110 13.65 -13.71 -22.59
N THR A 111 13.14 -13.89 -21.38
CA THR A 111 12.71 -15.23 -20.89
C THR A 111 11.23 -15.28 -20.53
N GLY A 112 10.63 -14.16 -20.14
CA GLY A 112 9.33 -14.16 -19.45
C GLY A 112 9.46 -14.45 -17.97
N MET A 113 8.35 -14.31 -17.25
CA MET A 113 8.27 -14.54 -15.79
C MET A 113 6.92 -15.19 -15.51
N THR A 114 6.77 -15.88 -14.39
CA THR A 114 5.44 -16.42 -14.01
C THR A 114 4.57 -15.34 -13.40
N VAL A 115 3.28 -15.62 -13.36
CA VAL A 115 2.33 -14.69 -12.68
C VAL A 115 2.80 -14.48 -11.23
N ALA A 116 3.17 -15.53 -10.51
CA ALA A 116 3.65 -15.41 -9.12
C ALA A 116 4.88 -14.50 -9.07
N GLU A 117 5.82 -14.68 -9.99
CA GLU A 117 7.05 -13.85 -10.01
C GLU A 117 6.70 -12.39 -10.30
N LEU A 118 5.78 -12.14 -11.22
CA LEU A 118 5.36 -10.74 -11.52
C LEU A 118 4.70 -10.16 -10.25
N SER A 119 3.91 -10.94 -9.55
CA SER A 119 3.20 -10.48 -8.34
C SER A 119 4.22 -10.13 -7.26
N ALA A 120 5.22 -10.97 -7.04
CA ALA A 120 6.30 -10.70 -6.08
C ALA A 120 7.05 -9.45 -6.52
N ALA A 121 7.30 -9.26 -7.80
CA ALA A 121 8.07 -8.08 -8.26
C ALA A 121 7.25 -6.80 -8.05
N ALA A 122 5.98 -6.87 -8.37
CA ALA A 122 5.06 -5.72 -8.20
C ALA A 122 5.08 -5.32 -6.72
N VAL A 123 4.97 -6.28 -5.81
CA VAL A 123 4.92 -5.98 -4.35
C VAL A 123 6.29 -5.55 -3.84
N GLN A 124 7.37 -6.26 -4.19
CA GLN A 124 8.63 -6.15 -3.41
C GLN A 124 9.58 -5.17 -4.05
N TYR A 125 9.40 -4.88 -5.34
CA TYR A 125 10.26 -3.93 -6.10
C TYR A 125 9.41 -2.85 -6.75
N SER A 126 8.09 -2.87 -6.52
CA SER A 126 7.17 -1.86 -7.11
C SER A 126 7.26 -1.89 -8.65
N ASP A 127 7.56 -3.04 -9.22
CA ASP A 127 7.86 -3.14 -10.67
C ASP A 127 6.64 -2.72 -11.52
N ASN A 128 6.82 -1.69 -12.35
CA ASN A 128 5.70 -1.08 -13.11
C ASN A 128 5.24 -1.97 -14.26
N ALA A 129 6.17 -2.55 -15.02
CA ALA A 129 5.80 -3.45 -16.09
C ALA A 129 5.02 -4.64 -15.50
N ALA A 130 5.52 -5.19 -14.41
CA ALA A 130 4.82 -6.31 -13.75
C ALA A 130 3.43 -5.88 -13.35
N ALA A 131 3.28 -4.69 -12.80
CA ALA A 131 1.95 -4.20 -12.40
C ALA A 131 1.00 -4.12 -13.62
N ASN A 132 1.48 -3.57 -14.71
CA ASN A 132 0.62 -3.41 -15.91
C ASN A 132 0.26 -4.78 -16.47
N LEU A 133 1.20 -5.72 -16.44
CA LEU A 133 0.90 -7.08 -16.96
C LEU A 133 -0.15 -7.74 -16.09
N LEU A 134 -0.10 -7.60 -14.76
CA LEU A 134 -1.10 -8.25 -13.89
C LEU A 134 -2.43 -7.50 -13.97
N LEU A 135 -2.42 -6.17 -14.09
CA LEU A 135 -3.67 -5.43 -14.39
C LEU A 135 -4.36 -6.02 -15.63
N LYS A 136 -3.60 -6.31 -16.67
CA LYS A 136 -4.18 -6.86 -17.92
C LYS A 136 -4.87 -8.19 -17.55
N GLU A 137 -4.19 -9.04 -16.77
CA GLU A 137 -4.76 -10.35 -16.37
C GLU A 137 -6.11 -10.18 -15.66
N LEU A 138 -6.30 -9.12 -14.89
CA LEU A 138 -7.53 -8.94 -14.08
C LEU A 138 -8.61 -8.16 -14.84
N GLY A 139 -8.35 -7.68 -16.05
CA GLY A 139 -9.33 -6.86 -16.79
C GLY A 139 -9.16 -5.38 -16.49
N GLY A 140 -7.93 -4.99 -16.18
CA GLY A 140 -7.63 -3.56 -16.04
C GLY A 140 -7.97 -2.97 -14.69
N PRO A 141 -7.84 -1.64 -14.59
CA PRO A 141 -8.14 -0.94 -13.33
C PRO A 141 -9.55 -1.21 -12.78
N ALA A 142 -10.52 -1.39 -13.66
CA ALA A 142 -11.88 -1.72 -13.21
C ALA A 142 -11.92 -3.13 -12.60
N GLY A 143 -11.10 -4.06 -13.12
CA GLY A 143 -11.01 -5.40 -12.54
C GLY A 143 -10.47 -5.38 -11.14
N LEU A 144 -9.42 -4.58 -10.89
CA LEU A 144 -8.89 -4.48 -9.52
C LEU A 144 -9.94 -3.76 -8.63
N THR A 145 -10.55 -2.69 -9.15
CA THR A 145 -11.60 -1.98 -8.40
C THR A 145 -12.70 -3.00 -8.00
N ALA A 146 -13.13 -3.81 -8.94
CA ALA A 146 -14.14 -4.87 -8.67
C ALA A 146 -13.69 -5.78 -7.55
N PHE A 147 -12.44 -6.23 -7.53
CA PHE A 147 -11.94 -7.08 -6.41
C PHE A 147 -12.10 -6.32 -5.08
N MET A 148 -11.72 -5.05 -5.05
CA MET A 148 -11.80 -4.26 -3.81
C MET A 148 -13.27 -4.14 -3.38
N ARG A 149 -14.19 -3.96 -4.33
CA ARG A 149 -15.62 -3.90 -3.97
C ARG A 149 -16.05 -5.24 -3.36
N SER A 150 -15.49 -6.34 -3.86
CA SER A 150 -15.90 -7.72 -3.45
C SER A 150 -15.55 -7.96 -1.98
N ILE A 151 -14.53 -7.27 -1.43
CA ILE A 151 -14.14 -7.41 0.00
C ILE A 151 -14.77 -6.31 0.83
N GLY A 152 -15.60 -5.44 0.27
CA GLY A 152 -16.41 -4.45 1.00
C GLY A 152 -15.75 -3.10 1.06
N ASP A 153 -14.76 -2.86 0.20
CA ASP A 153 -14.14 -1.51 0.11
C ASP A 153 -14.90 -0.70 -0.95
N THR A 154 -15.65 0.32 -0.54
CA THR A 154 -16.43 1.17 -1.46
C THR A 154 -15.67 2.45 -1.81
N THR A 155 -14.48 2.62 -1.28
CA THR A 155 -13.74 3.87 -1.41
C THR A 155 -12.69 3.76 -2.52
N PHE A 156 -11.97 2.67 -2.53
CA PHE A 156 -10.87 2.44 -3.48
C PHE A 156 -11.32 2.69 -4.92
N ARG A 157 -10.50 3.39 -5.69
CA ARG A 157 -10.79 3.45 -7.15
C ARG A 157 -9.46 3.48 -7.91
N LEU A 158 -9.27 2.50 -8.80
CA LEU A 158 -8.14 2.59 -9.76
C LEU A 158 -8.78 2.91 -11.12
N ASP A 159 -8.20 3.86 -11.83
CA ASP A 159 -8.80 4.34 -13.08
C ASP A 159 -7.85 4.20 -14.25
N ARG A 160 -6.55 4.27 -13.96
CA ARG A 160 -5.54 4.27 -15.05
C ARG A 160 -4.42 3.26 -14.81
N TRP A 161 -3.50 3.22 -15.76
CA TRP A 161 -2.37 2.26 -15.68
C TRP A 161 -1.08 3.00 -15.34
N GLU A 162 0.02 2.25 -15.23
CA GLU A 162 1.34 2.88 -15.01
C GLU A 162 1.81 3.41 -16.37
N LEU A 163 2.23 4.67 -16.45
CA LEU A 163 2.62 5.56 -15.33
C LEU A 163 1.56 6.65 -15.11
N GLU A 164 0.53 6.69 -15.94
CA GLU A 164 -0.44 7.82 -15.90
C GLU A 164 -1.12 7.97 -14.54
N LEU A 165 -1.32 6.87 -13.82
CA LEU A 165 -2.05 6.94 -12.53
C LEU A 165 -1.28 7.75 -11.47
N ASN A 166 -0.08 8.19 -11.78
CA ASN A 166 0.77 8.93 -10.79
C ASN A 166 0.58 10.46 -10.88
N SER A 167 -0.37 10.93 -11.68
CA SER A 167 -0.51 12.41 -11.91
C SER A 167 -0.76 13.17 -10.60
N ALA A 168 -1.49 12.57 -9.65
CA ALA A 168 -1.67 13.17 -8.31
C ALA A 168 -2.22 14.61 -8.38
N ILE A 169 -3.11 14.84 -9.34
CA ILE A 169 -3.65 16.20 -9.53
C ILE A 169 -4.48 16.55 -8.32
N PRO A 170 -4.29 17.74 -7.72
CA PRO A 170 -5.13 18.18 -6.60
C PRO A 170 -6.62 18.17 -6.92
N GLY A 171 -7.37 17.44 -6.10
CA GLY A 171 -8.84 17.38 -6.26
C GLY A 171 -9.30 16.23 -7.13
N ASP A 172 -8.37 15.54 -7.77
CA ASP A 172 -8.73 14.46 -8.71
C ASP A 172 -8.90 13.16 -7.93
N ALA A 173 -10.10 12.57 -8.00
CA ALA A 173 -10.36 11.33 -7.24
C ALA A 173 -9.86 10.08 -7.98
N ARG A 174 -9.47 10.23 -9.23
CA ARG A 174 -8.95 9.06 -9.96
C ARG A 174 -7.74 8.45 -9.22
N ASP A 175 -7.70 7.13 -9.17
CA ASP A 175 -6.48 6.47 -8.62
C ASP A 175 -6.22 6.91 -7.17
N THR A 176 -7.29 6.92 -6.38
CA THR A 176 -7.16 7.30 -4.97
C THR A 176 -7.94 6.39 -4.04
N SER A 177 -7.55 6.39 -2.78
CA SER A 177 -8.40 5.81 -1.73
C SER A 177 -8.18 6.66 -0.48
N SER A 178 -8.76 6.25 0.65
CA SER A 178 -8.53 6.91 1.94
C SER A 178 -7.64 6.04 2.82
N PRO A 179 -6.91 6.66 3.77
CA PRO A 179 -6.13 5.88 4.70
C PRO A 179 -6.94 4.82 5.45
N ARG A 180 -8.14 5.21 5.85
CA ARG A 180 -9.03 4.28 6.56
C ARG A 180 -9.35 3.11 5.64
N ALA A 181 -9.82 3.35 4.41
CA ALA A 181 -10.22 2.22 3.54
C ALA A 181 -9.02 1.31 3.25
N VAL A 182 -7.86 1.93 3.01
CA VAL A 182 -6.61 1.15 2.78
C VAL A 182 -6.36 0.23 4.00
N THR A 183 -6.42 0.75 5.20
CA THR A 183 -6.14 -0.04 6.42
C THR A 183 -7.21 -1.13 6.57
N GLU A 184 -8.48 -0.78 6.38
CA GLU A 184 -9.60 -1.75 6.53
C GLU A 184 -9.40 -2.89 5.55
N SER A 185 -9.09 -2.59 4.31
CA SER A 185 -8.88 -3.63 3.29
C SER A 185 -7.62 -4.45 3.56
N LEU A 186 -6.52 -3.81 3.98
CA LEU A 186 -5.27 -4.53 4.31
C LEU A 186 -5.54 -5.52 5.45
N GLN A 187 -6.29 -5.12 6.47
N GLN A 187 -6.29 -5.11 6.47
CA GLN A 187 -6.63 -6.02 7.59
CA GLN A 187 -6.66 -5.98 7.59
C GLN A 187 -7.41 -7.24 7.06
C GLN A 187 -7.43 -7.20 7.09
N LYS A 188 -8.42 -7.00 6.21
CA LYS A 188 -9.26 -8.12 5.75
C LYS A 188 -8.39 -9.12 4.99
N LEU A 189 -7.43 -8.64 4.20
CA LEU A 189 -6.62 -9.50 3.32
C LEU A 189 -5.50 -10.20 4.07
N THR A 190 -4.91 -9.60 5.08
CA THR A 190 -3.68 -10.13 5.74
C THR A 190 -4.07 -10.91 7.00
N LEU A 191 -5.16 -10.53 7.65
CA LEU A 191 -5.50 -11.02 9.02
C LEU A 191 -6.93 -11.56 9.05
N GLY A 192 -7.81 -11.11 8.16
CA GLY A 192 -9.23 -11.53 8.14
C GLY A 192 -9.42 -12.70 7.20
N SER A 193 -10.61 -12.81 6.64
CA SER A 193 -11.05 -14.00 5.87
C SER A 193 -11.23 -13.70 4.39
N ALA A 194 -10.71 -12.57 3.89
CA ALA A 194 -10.92 -12.20 2.49
C ALA A 194 -10.15 -13.14 1.57
N LEU A 195 -9.03 -13.71 2.01
CA LEU A 195 -8.26 -14.75 1.26
C LEU A 195 -8.32 -16.09 2.01
N ALA A 196 -8.25 -17.19 1.27
CA ALA A 196 -7.99 -18.53 1.84
C ALA A 196 -6.64 -18.49 2.59
N ALA A 197 -6.47 -19.33 3.61
CA ALA A 197 -5.28 -19.28 4.50
C ALA A 197 -3.96 -19.32 3.71
N PRO A 198 -3.76 -20.23 2.74
CA PRO A 198 -2.48 -20.29 2.04
C PRO A 198 -2.17 -18.98 1.28
N GLN A 199 -3.18 -18.46 0.60
CA GLN A 199 -3.10 -17.17 -0.17
C GLN A 199 -2.85 -16.03 0.80
N ARG A 200 -3.51 -16.04 1.94
CA ARG A 200 -3.30 -14.99 2.99
C ARG A 200 -1.82 -15.00 3.38
N GLN A 201 -1.23 -16.18 3.66
CA GLN A 201 0.16 -16.23 4.15
C GLN A 201 1.09 -15.82 3.01
N GLN A 202 0.72 -16.13 1.75
CA GLN A 202 1.58 -15.72 0.60
C GLN A 202 1.57 -14.19 0.50
N PHE A 203 0.42 -13.59 0.72
CA PHE A 203 0.31 -12.11 0.63
C PHE A 203 1.20 -11.49 1.71
N VAL A 204 1.05 -11.99 2.96
CA VAL A 204 1.87 -11.53 4.11
C VAL A 204 3.35 -11.71 3.77
N ASP A 205 3.73 -12.86 3.25
CA ASP A 205 5.17 -13.10 2.96
C ASP A 205 5.68 -12.13 1.89
N TRP A 206 4.89 -11.85 0.85
CA TRP A 206 5.31 -10.84 -0.14
C TRP A 206 5.54 -9.48 0.51
N LEU A 207 4.59 -9.02 1.32
CA LEU A 207 4.71 -7.72 2.02
C LEU A 207 5.94 -7.70 2.95
N LYS A 208 6.18 -8.80 3.66
CA LYS A 208 7.35 -8.89 4.59
C LYS A 208 8.65 -8.77 3.81
N GLY A 209 8.68 -9.29 2.58
CA GLY A 209 9.87 -9.23 1.71
C GLY A 209 9.98 -7.95 0.91
N ASN A 210 9.12 -6.97 1.12
CA ASN A 210 9.26 -5.69 0.38
C ASN A 210 10.66 -5.06 0.59
N THR A 211 11.26 -4.54 -0.45
CA THR A 211 12.60 -3.91 -0.42
C THR A 211 12.55 -2.39 -0.46
N THR A 212 11.38 -1.75 -0.70
CA THR A 212 11.34 -0.31 -1.04
C THR A 212 10.88 0.54 0.14
N GLY A 213 10.67 -0.06 1.31
CA GLY A 213 10.01 0.62 2.43
C GLY A 213 10.92 0.88 3.64
N ASN A 214 12.22 0.71 3.51
CA ASN A 214 13.09 0.75 4.72
C ASN A 214 13.05 2.10 5.42
N HIS A 215 12.77 3.21 4.69
CA HIS A 215 12.79 4.57 5.25
C HIS A 215 11.40 5.08 5.61
N ARG A 216 10.37 4.21 5.60
CA ARG A 216 8.98 4.67 5.82
C ARG A 216 8.47 4.01 7.08
N ILE A 217 7.36 3.28 7.08
CA ILE A 217 6.80 2.72 8.32
C ILE A 217 7.87 1.87 9.01
N ARG A 218 8.65 1.10 8.28
CA ARG A 218 9.70 0.21 8.87
C ARG A 218 10.66 1.02 9.74
N ALA A 219 10.94 2.27 9.39
CA ALA A 219 11.89 3.14 10.13
C ALA A 219 11.35 3.47 11.53
N ALA A 220 10.08 3.20 11.81
CA ALA A 220 9.45 3.47 13.12
C ALA A 220 9.23 2.17 13.89
N VAL A 221 9.64 1.05 13.34
CA VAL A 221 9.36 -0.33 13.89
C VAL A 221 10.66 -0.93 14.40
N PRO A 222 10.71 -1.34 15.70
CA PRO A 222 11.86 -2.04 16.25
C PRO A 222 12.23 -3.30 15.46
N ALA A 223 13.52 -3.62 15.43
CA ALA A 223 14.09 -4.78 14.68
C ALA A 223 13.48 -6.11 15.10
N ASP A 224 12.92 -6.19 16.32
CA ASP A 224 12.44 -7.49 16.79
C ASP A 224 10.96 -7.66 16.49
N TRP A 225 10.33 -6.76 15.73
CA TRP A 225 8.90 -6.87 15.34
C TRP A 225 8.84 -7.22 13.87
N ALA A 226 7.96 -8.11 13.50
CA ALA A 226 7.79 -8.44 12.07
C ALA A 226 6.96 -7.32 11.42
N VAL A 227 7.25 -7.04 10.17
CA VAL A 227 6.50 -6.01 9.41
C VAL A 227 6.45 -6.40 7.94
N GLY A 228 5.29 -6.19 7.33
CA GLY A 228 5.11 -6.23 5.88
C GLY A 228 4.54 -4.90 5.40
N ASP A 229 5.02 -4.37 4.28
CA ASP A 229 4.56 -3.04 3.84
C ASP A 229 4.49 -3.00 2.31
N LYS A 230 3.77 -2.01 1.83
CA LYS A 230 3.80 -1.60 0.40
C LYS A 230 3.87 -0.09 0.30
N THR A 231 4.83 0.41 -0.44
CA THR A 231 5.06 1.86 -0.66
C THR A 231 4.34 2.37 -1.90
N GLY A 232 4.26 3.69 -1.96
CA GLY A 232 3.86 4.38 -3.18
C GLY A 232 4.54 5.73 -3.27
N THR A 233 5.04 6.06 -4.46
CA THR A 233 5.68 7.37 -4.71
C THR A 233 5.24 7.87 -6.08
N CYS A 234 4.52 8.99 -6.14
CA CYS A 234 3.96 9.46 -7.43
C CYS A 234 5.00 10.31 -8.16
N GLY A 235 5.89 10.96 -7.43
CA GLY A 235 6.98 11.75 -8.04
C GLY A 235 6.61 13.20 -8.27
N VAL A 236 5.41 13.63 -7.83
CA VAL A 236 4.90 15.00 -7.97
C VAL A 236 4.01 15.31 -6.76
N TYR A 237 3.73 16.60 -6.54
CA TYR A 237 2.72 17.06 -5.56
C TYR A 237 3.01 16.47 -4.17
N GLY A 238 4.27 16.30 -3.82
CA GLY A 238 4.66 15.88 -2.47
C GLY A 238 3.98 14.57 -2.09
N THR A 239 3.66 13.74 -3.08
CA THR A 239 2.71 12.61 -2.90
C THR A 239 3.47 11.30 -2.78
N ALA A 240 3.35 10.66 -1.63
CA ALA A 240 3.97 9.35 -1.36
C ALA A 240 3.31 8.73 -0.16
N ASN A 241 3.49 7.44 0.03
CA ASN A 241 2.68 6.73 1.04
C ASN A 241 3.32 5.39 1.36
N ASP A 242 2.74 4.75 2.36
CA ASP A 242 3.14 3.39 2.75
C ASP A 242 2.01 2.82 3.59
N TYR A 243 1.74 1.55 3.48
CA TYR A 243 0.84 0.88 4.43
C TYR A 243 1.52 -0.40 4.90
N ALA A 244 1.15 -0.86 6.08
CA ALA A 244 1.84 -1.99 6.70
C ALA A 244 0.94 -2.75 7.66
N VAL A 245 1.30 -4.02 7.83
CA VAL A 245 0.90 -4.80 9.02
C VAL A 245 2.17 -4.96 9.86
N VAL A 246 2.03 -4.70 11.14
CA VAL A 246 3.14 -4.77 12.12
C VAL A 246 2.74 -5.80 13.18
N TRP A 247 3.63 -6.73 13.50
CA TRP A 247 3.43 -7.74 14.59
C TRP A 247 4.37 -7.40 15.76
N PRO A 248 3.93 -6.55 16.71
CA PRO A 248 4.70 -6.31 17.91
C PRO A 248 4.63 -7.59 18.72
N THR A 249 5.85 -7.82 19.48
CA THR A 249 5.86 -9.09 20.23
C THR A 249 4.85 -8.97 21.38
N GLY A 250 4.20 -10.07 21.70
CA GLY A 250 3.40 -10.14 22.93
C GLY A 250 2.06 -9.41 22.86
N ARG A 251 1.65 -8.91 21.68
CA ARG A 251 0.33 -8.27 21.55
C ARG A 251 -0.13 -8.47 20.11
N ALA A 252 -1.39 -8.12 19.85
CA ALA A 252 -2.00 -8.37 18.55
C ALA A 252 -1.38 -7.42 17.53
N PRO A 253 -1.45 -7.82 16.26
CA PRO A 253 -0.93 -6.98 15.19
C PRO A 253 -1.62 -5.62 15.06
N ILE A 254 -0.88 -4.68 14.49
CA ILE A 254 -1.35 -3.32 14.17
C ILE A 254 -1.38 -3.18 12.65
N VAL A 255 -2.43 -2.62 12.11
CA VAL A 255 -2.50 -2.35 10.67
C VAL A 255 -2.53 -0.82 10.51
N LEU A 256 -1.76 -0.26 9.59
CA LEU A 256 -1.79 1.21 9.45
C LEU A 256 -1.46 1.63 8.02
N ALA A 257 -1.89 2.84 7.74
CA ALA A 257 -1.71 3.48 6.42
C ALA A 257 -1.29 4.90 6.65
N VAL A 258 -0.28 5.34 5.92
CA VAL A 258 0.24 6.72 6.00
C VAL A 258 0.37 7.25 4.57
N TYR A 259 -0.39 8.29 4.25
CA TYR A 259 -0.45 8.92 2.91
C TYR A 259 -0.13 10.40 3.02
N THR A 260 0.59 10.94 2.04
CA THR A 260 0.83 12.38 1.98
C THR A 260 0.50 12.92 0.59
N ARG A 261 0.24 14.21 0.59
CA ARG A 261 0.20 15.00 -0.67
CA ARG A 261 0.19 14.99 -0.67
C ARG A 261 0.46 16.45 -0.30
N ALA A 262 0.66 17.29 -1.31
CA ALA A 262 1.03 18.69 -1.08
C ALA A 262 0.50 19.49 -2.25
N PRO A 263 0.38 20.82 -2.07
CA PRO A 263 -0.38 21.63 -3.03
C PRO A 263 0.28 21.93 -4.36
N ASN A 264 1.60 21.92 -4.43
CA ASN A 264 2.35 22.38 -5.64
C ASN A 264 2.96 21.20 -6.36
N LYS A 265 2.95 21.21 -7.67
CA LYS A 265 3.46 20.09 -8.48
C LYS A 265 4.93 19.78 -8.13
N ASP A 266 5.74 20.82 -7.88
CA ASP A 266 7.17 20.56 -7.64
C ASP A 266 7.44 20.41 -6.14
N ASP A 267 6.41 20.30 -5.27
CA ASP A 267 6.63 19.91 -3.85
C ASP A 267 7.23 18.50 -3.83
N LYS A 268 8.14 18.30 -2.90
CA LYS A 268 8.81 16.99 -2.80
C LYS A 268 8.16 16.19 -1.68
N HIS A 269 8.10 14.89 -1.86
CA HIS A 269 7.64 14.01 -0.77
C HIS A 269 8.75 13.94 0.26
N SER A 270 8.42 13.37 1.39
CA SER A 270 9.36 13.16 2.51
C SER A 270 9.15 11.78 3.11
N GLU A 271 10.15 10.90 2.99
CA GLU A 271 10.08 9.61 3.67
C GLU A 271 10.15 9.83 5.17
N ALA A 272 10.98 10.77 5.63
CA ALA A 272 11.08 11.06 7.07
C ALA A 272 9.70 11.44 7.67
N VAL A 273 8.90 12.20 6.94
CA VAL A 273 7.57 12.59 7.44
C VAL A 273 6.69 11.33 7.55
N ILE A 274 6.77 10.42 6.58
CA ILE A 274 5.97 9.16 6.67
C ILE A 274 6.41 8.36 7.91
N ALA A 275 7.72 8.22 8.16
CA ALA A 275 8.23 7.46 9.33
C ALA A 275 7.77 8.18 10.61
N ALA A 276 7.80 9.50 10.63
CA ALA A 276 7.40 10.27 11.83
C ALA A 276 5.91 10.06 12.11
N ALA A 277 5.09 10.10 11.05
CA ALA A 277 3.64 9.91 11.18
C ALA A 277 3.38 8.50 11.69
N ALA A 278 4.09 7.49 11.17
CA ALA A 278 3.96 6.12 11.66
C ALA A 278 4.30 6.07 13.17
N ARG A 279 5.40 6.71 13.56
N ARG A 279 5.38 6.71 13.57
CA ARG A 279 5.82 6.76 14.99
CA ARG A 279 5.79 6.70 15.00
C ARG A 279 4.67 7.33 15.82
C ARG A 279 4.66 7.33 15.84
N LEU A 280 4.09 8.44 15.39
CA LEU A 280 2.97 9.11 16.13
C LEU A 280 1.78 8.16 16.19
N ALA A 281 1.46 7.44 15.11
CA ALA A 281 0.31 6.50 15.15
C ALA A 281 0.55 5.42 16.20
N LEU A 282 1.74 4.84 16.23
CA LEU A 282 2.06 3.74 17.17
C LEU A 282 2.02 4.29 18.61
N GLU A 283 2.55 5.48 18.83
CA GLU A 283 2.55 6.15 20.16
C GLU A 283 1.08 6.38 20.59
N GLY A 284 0.23 6.80 19.67
CA GLY A 284 -1.22 6.97 19.96
C GLY A 284 -1.85 5.67 20.41
N LEU A 285 -1.49 4.54 19.82
CA LEU A 285 -2.05 3.23 20.15
C LEU A 285 -1.42 2.67 21.44
N GLY A 286 -0.37 3.31 21.94
CA GLY A 286 0.30 2.92 23.19
C GLY A 286 1.27 1.80 22.94
N VAL A 287 1.66 1.59 21.69
CA VAL A 287 2.54 0.47 21.30
C VAL A 287 3.99 0.93 21.46
N ASN A 288 4.59 0.46 22.56
CA ASN A 288 6.05 0.22 22.74
C ASN A 288 6.85 1.05 21.73
#